data_7UR3
#
_entry.id   7UR3
#
_cell.length_a   71.348
_cell.length_b   89.499
_cell.length_c   88.392
_cell.angle_alpha   90.000
_cell.angle_beta   90.000
_cell.angle_gamma   90.000
#
_symmetry.space_group_name_H-M   'C 2 2 21'
#
loop_
_entity.id
_entity.type
_entity.pdbx_description
1 polymer 'Heat shock protein HSP 90-alpha'
2 non-polymer (5-fluoro-1,3-dihydro-2H-isoindol-2-yl){4-hydroxy-3-[(2S)-2-hydroxy-5-phenylpentan-2-yl]phenyl}methanone
3 water water
#
_entity_poly.entity_id   1
_entity_poly.type   'polypeptide(L)'
_entity_poly.pdbx_seq_one_letter_code
;MPEETQTQDQPMEEEEVETFAFQAEIAQLMSLIINTFYSNKEIFLRELISNSSDALDKIRYESLTDPSKLDSGKELHINL
IPNKQDRTLTIVDTGIGMTKADLINNLGTIAKSGTKAFMEALQAGADISMIGQFGVGFYSAYLVAEKVTVITKHNDDEQY
AWESSAGGSFTVRTDTGEPMGRGTKVILHLKEDQTEYLEERRIKEIVKKHSQFIGYPITLFVEKERDKEVSDDEAEEKED
KEEEKEKEEKESEDKPEIEDVGSDEEEEKKDGDKKKKKKIKEKYIDQEELNKT
;
_entity_poly.pdbx_strand_id   A
#
loop_
_chem_comp.id
_chem_comp.type
_chem_comp.name
_chem_comp.formula
OJ3 non-polymer (5-fluoro-1,3-dihydro-2H-isoindol-2-yl){4-hydroxy-3-[(2S)-2-hydroxy-5-phenylpentan-2-yl]phenyl}methanone 'C26 H26 F N O3'
#
# COMPACT_ATOMS: atom_id res chain seq x y z
N GLU A 16 -17.14 -2.00 14.75
CA GLU A 16 -17.90 -2.65 13.69
C GLU A 16 -17.02 -2.92 12.48
N VAL A 17 -17.16 -4.10 11.90
CA VAL A 17 -16.29 -4.58 10.84
C VAL A 17 -17.14 -4.92 9.63
N GLU A 18 -16.74 -4.42 8.45
CA GLU A 18 -17.39 -4.81 7.21
C GLU A 18 -16.50 -5.74 6.42
N THR A 19 -17.11 -6.79 5.85
CA THR A 19 -16.40 -7.78 5.04
C THR A 19 -16.83 -7.65 3.59
N PHE A 20 -15.86 -7.67 2.69
CA PHE A 20 -16.05 -7.50 1.26
C PHE A 20 -15.43 -8.66 0.51
N ALA A 21 -16.02 -9.04 -0.61
CA ALA A 21 -15.42 -10.00 -1.51
C ALA A 21 -14.50 -9.31 -2.51
N PHE A 22 -13.32 -9.90 -2.73
CA PHE A 22 -12.51 -9.50 -3.87
C PHE A 22 -13.25 -9.76 -5.17
N GLN A 23 -13.05 -8.86 -6.13
CA GLN A 23 -13.49 -9.10 -7.51
C GLN A 23 -12.93 -10.44 -8.00
N ALA A 24 -13.69 -11.12 -8.85
CA ALA A 24 -13.37 -12.51 -9.19
C ALA A 24 -11.96 -12.65 -9.77
N GLU A 25 -11.56 -11.75 -10.66
CA GLU A 25 -10.23 -11.88 -11.28
C GLU A 25 -9.13 -11.59 -10.27
N ILE A 26 -9.37 -10.67 -9.34
CA ILE A 26 -8.40 -10.41 -8.28
C ILE A 26 -8.29 -11.61 -7.36
N ALA A 27 -9.43 -12.24 -7.04
CA ALA A 27 -9.37 -13.45 -6.22
C ALA A 27 -8.54 -14.55 -6.91
N GLN A 28 -8.71 -14.70 -8.24
CA GLN A 28 -7.95 -15.68 -8.99
C GLN A 28 -6.44 -15.36 -8.95
N LEU A 29 -6.10 -14.09 -9.13
CA LEU A 29 -4.70 -13.66 -9.06
C LEU A 29 -4.11 -13.97 -7.69
N MET A 30 -4.85 -13.64 -6.62
CA MET A 30 -4.34 -13.85 -5.27
C MET A 30 -4.15 -15.34 -4.99
N SER A 31 -5.07 -16.18 -5.50
CA SER A 31 -4.92 -17.62 -5.33
C SER A 31 -3.65 -18.11 -6.01
N LEU A 32 -3.37 -17.62 -7.21
CA LEU A 32 -2.14 -18.00 -7.91
C LEU A 32 -0.91 -17.53 -7.13
N ILE A 33 -0.95 -16.30 -6.61
CA ILE A 33 0.20 -15.77 -5.88
C ILE A 33 0.46 -16.59 -4.63
N ILE A 34 -0.60 -17.01 -3.94
CA ILE A 34 -0.43 -17.75 -2.69
C ILE A 34 0.15 -19.13 -2.94
N ASN A 35 -0.14 -19.74 -4.09
CA ASN A 35 0.26 -21.12 -4.33
C ASN A 35 1.43 -21.25 -5.29
N THR A 36 2.03 -20.14 -5.72
CA THR A 36 3.13 -20.21 -6.68
C THR A 36 4.47 -20.40 -5.97
N PHE A 37 5.40 -21.03 -6.69
CA PHE A 37 6.79 -21.12 -6.27
C PHE A 37 7.67 -20.09 -6.97
N TYR A 38 7.06 -19.09 -7.61
CA TYR A 38 7.75 -17.97 -8.23
C TYR A 38 8.95 -17.53 -7.39
N SER A 39 10.13 -17.50 -8.02
CA SER A 39 11.39 -17.35 -7.29
C SER A 39 11.67 -15.92 -6.87
N ASN A 40 11.33 -14.95 -7.72
CA ASN A 40 11.78 -13.57 -7.53
C ASN A 40 10.80 -12.80 -6.64
N LYS A 41 10.70 -13.27 -5.40
CA LYS A 41 9.70 -12.71 -4.50
C LYS A 41 10.05 -11.32 -4.01
N GLU A 42 11.32 -10.94 -4.08
CA GLU A 42 11.77 -9.69 -3.49
C GLU A 42 11.11 -8.46 -4.12
N ILE A 43 10.51 -8.58 -5.29
CA ILE A 43 9.96 -7.39 -5.92
C ILE A 43 8.73 -6.86 -5.23
N PHE A 44 8.20 -7.55 -4.22
CA PHE A 44 7.05 -7.00 -3.48
C PHE A 44 7.41 -5.63 -2.92
N LEU A 45 8.65 -5.46 -2.47
CA LEU A 45 9.00 -4.20 -1.80
C LEU A 45 9.00 -3.04 -2.78
N ARG A 46 9.55 -3.25 -3.98
CA ARG A 46 9.50 -2.25 -5.04
C ARG A 46 8.07 -1.78 -5.30
N GLU A 47 7.11 -2.72 -5.34
CA GLU A 47 5.75 -2.34 -5.68
C GLU A 47 5.11 -1.50 -4.59
N LEU A 48 5.40 -1.81 -3.32
CA LEU A 48 4.84 -1.02 -2.22
C LEU A 48 5.52 0.34 -2.12
N ILE A 49 6.86 0.38 -2.23
CA ILE A 49 7.57 1.67 -2.16
C ILE A 49 7.13 2.57 -3.31
N SER A 50 6.89 2.00 -4.49
CA SER A 50 6.44 2.81 -5.63
C SER A 50 5.09 3.46 -5.34
N ASN A 51 4.16 2.74 -4.73
CA ASN A 51 2.89 3.35 -4.39
C ASN A 51 3.02 4.36 -3.27
N SER A 52 3.94 4.14 -2.32
CA SER A 52 4.23 5.18 -1.33
C SER A 52 4.72 6.44 -2.02
N SER A 53 5.63 6.30 -2.98
CA SER A 53 6.19 7.46 -3.65
C SER A 53 5.11 8.21 -4.43
N ASP A 54 4.20 7.47 -5.09
CA ASP A 54 3.10 8.14 -5.79
C ASP A 54 2.17 8.86 -4.81
N ALA A 55 1.94 8.28 -3.63
CA ALA A 55 1.12 8.94 -2.62
C ALA A 55 1.80 10.18 -2.07
N LEU A 56 3.13 10.14 -1.96
CA LEU A 56 3.87 11.31 -1.49
C LEU A 56 3.88 12.40 -2.54
N ASP A 57 4.07 12.05 -3.81
CA ASP A 57 3.94 13.03 -4.89
C ASP A 57 2.58 13.71 -4.82
N LYS A 58 1.53 12.93 -4.54
CA LYS A 58 0.18 13.47 -4.61
C LYS A 58 -0.04 14.54 -3.56
N ILE A 59 0.32 14.26 -2.30
CA ILE A 59 0.16 15.28 -1.26
C ILE A 59 1.09 16.46 -1.51
N ARG A 60 2.24 16.22 -2.16
CA ARG A 60 3.17 17.30 -2.44
C ARG A 60 2.65 18.22 -3.55
N TYR A 61 2.22 17.66 -4.69
CA TYR A 61 1.66 18.50 -5.75
C TYR A 61 0.41 19.20 -5.26
N GLU A 62 -0.41 18.50 -4.48
CA GLU A 62 -1.64 19.10 -3.94
C GLU A 62 -1.33 20.26 -3.01
N SER A 63 -0.22 20.19 -2.27
CA SER A 63 0.16 21.25 -1.34
C SER A 63 0.72 22.49 -2.04
N LEU A 64 0.89 22.45 -3.36
CA LEU A 64 1.33 23.64 -4.09
C LEU A 64 0.22 24.67 -4.18
N THR A 65 -1.03 24.23 -4.38
CA THR A 65 -2.17 25.12 -4.45
C THR A 65 -2.90 25.25 -3.12
N ASP A 66 -2.80 24.27 -2.23
CA ASP A 66 -3.38 24.33 -0.89
C ASP A 66 -2.29 23.96 0.11
N PRO A 67 -1.58 24.95 0.65
CA PRO A 67 -0.51 24.64 1.62
C PRO A 67 -1.03 24.04 2.92
N SER A 68 -2.31 24.23 3.25
CA SER A 68 -2.85 23.71 4.51
C SER A 68 -2.86 22.19 4.55
N LYS A 69 -2.82 21.52 3.40
CA LYS A 69 -2.90 20.06 3.39
C LYS A 69 -1.73 19.39 4.09
N LEU A 70 -0.68 20.14 4.43
CA LEU A 70 0.45 19.58 5.16
C LEU A 70 0.39 19.88 6.65
N ASP A 71 -0.73 20.40 7.14
CA ASP A 71 -0.89 20.59 8.59
C ASP A 71 -0.82 19.28 9.34
N SER A 72 -1.14 18.17 8.68
CA SER A 72 -1.10 16.84 9.29
C SER A 72 0.29 16.21 9.25
N GLY A 73 1.31 16.98 8.89
CA GLY A 73 2.67 16.46 8.86
C GLY A 73 3.48 17.00 7.70
N LYS A 74 4.60 17.66 8.01
CA LYS A 74 5.40 18.31 6.98
C LYS A 74 6.32 17.31 6.27
N GLU A 75 6.84 16.31 6.97
CA GLU A 75 7.88 15.49 6.41
C GLU A 75 7.29 14.48 5.43
N LEU A 76 7.98 14.31 4.31
CA LEU A 76 7.55 13.41 3.24
C LEU A 76 8.61 12.33 3.12
N HIS A 77 8.30 11.12 3.62
CA HIS A 77 9.32 10.09 3.71
C HIS A 77 8.68 8.71 3.83
N ILE A 78 9.55 7.68 3.73
CA ILE A 78 9.19 6.28 3.84
C ILE A 78 10.07 5.62 4.89
N ASN A 79 9.47 4.90 5.83
CA ASN A 79 10.20 4.14 6.83
C ASN A 79 9.96 2.65 6.65
N LEU A 80 11.02 1.86 6.80
CA LEU A 80 10.96 0.40 6.75
C LEU A 80 11.27 -0.13 8.15
N ILE A 81 10.34 -0.89 8.72
CA ILE A 81 10.45 -1.30 10.12
C ILE A 81 10.29 -2.80 10.23
N PRO A 82 11.37 -3.57 10.24
CA PRO A 82 11.26 -5.00 10.54
C PRO A 82 11.09 -5.24 12.02
N ASN A 83 10.37 -6.31 12.35
CA ASN A 83 10.14 -6.72 13.74
C ASN A 83 10.24 -8.24 13.77
N LYS A 84 11.39 -8.76 14.23
CA LYS A 84 11.57 -10.20 14.22
C LYS A 84 10.71 -10.90 15.25
N GLN A 85 10.41 -10.24 16.37
CA GLN A 85 9.58 -10.88 17.39
C GLN A 85 8.17 -11.15 16.87
N ASP A 86 7.58 -10.16 16.19
CA ASP A 86 6.24 -10.28 15.63
C ASP A 86 6.24 -10.88 14.23
N ARG A 87 7.43 -11.05 13.63
CA ARG A 87 7.56 -11.52 12.25
C ARG A 87 6.78 -10.63 11.27
N THR A 88 6.94 -9.31 11.41
CA THR A 88 6.30 -8.35 10.55
C THR A 88 7.33 -7.43 9.91
N LEU A 89 7.05 -7.04 8.67
CA LEU A 89 7.76 -5.95 8.01
C LEU A 89 6.73 -4.86 7.76
N THR A 90 6.97 -3.68 8.34
CA THR A 90 6.05 -2.57 8.20
C THR A 90 6.66 -1.50 7.30
N ILE A 91 5.86 -0.98 6.37
CA ILE A 91 6.28 0.09 5.47
C ILE A 91 5.37 1.28 5.76
N VAL A 92 5.95 2.38 6.25
CA VAL A 92 5.18 3.57 6.62
C VAL A 92 5.54 4.70 5.70
N ASP A 93 4.54 5.38 5.15
CA ASP A 93 4.81 6.61 4.42
C ASP A 93 3.93 7.73 4.97
N THR A 94 4.31 8.96 4.68
CA THR A 94 3.51 10.13 5.04
C THR A 94 2.88 10.75 3.81
N GLY A 95 2.42 9.91 2.88
CA GLY A 95 1.76 10.39 1.68
C GLY A 95 0.34 10.84 1.95
N ILE A 96 -0.41 10.98 0.85
CA ILE A 96 -1.76 11.54 0.94
C ILE A 96 -2.73 10.62 1.67
N GLY A 97 -2.41 9.33 1.79
CA GLY A 97 -3.32 8.39 2.45
C GLY A 97 -4.50 8.02 1.58
N MET A 98 -5.37 7.18 2.15
CA MET A 98 -6.50 6.63 1.41
C MET A 98 -7.80 6.83 2.18
N THR A 99 -8.84 7.21 1.45
CA THR A 99 -10.18 7.25 1.99
C THR A 99 -10.75 5.84 2.08
N LYS A 100 -11.89 5.73 2.76
CA LYS A 100 -12.57 4.43 2.83
C LYS A 100 -12.92 3.94 1.43
N ALA A 101 -13.42 4.84 0.58
CA ALA A 101 -13.74 4.46 -0.79
C ALA A 101 -12.50 4.03 -1.56
N ASP A 102 -11.36 4.70 -1.35
CA ASP A 102 -10.12 4.27 -2.00
C ASP A 102 -9.76 2.85 -1.61
N LEU A 103 -9.92 2.50 -0.33
CA LEU A 103 -9.61 1.15 0.12
C LEU A 103 -10.49 0.13 -0.58
N ILE A 104 -11.80 0.35 -0.54
CA ILE A 104 -12.71 -0.67 -1.08
C ILE A 104 -12.58 -0.75 -2.59
N ASN A 105 -12.49 0.39 -3.26
CA ASN A 105 -12.52 0.41 -4.72
C ASN A 105 -11.20 -0.04 -5.31
N ASN A 106 -10.10 0.42 -4.74
CA ASN A 106 -8.84 0.12 -5.29
C ASN A 106 -8.08 -1.08 -4.76
N LEU A 107 -8.46 -1.55 -3.60
CA LEU A 107 -7.80 -2.67 -3.00
C LEU A 107 -8.67 -3.90 -2.98
N GLY A 108 -9.48 -4.05 -3.99
CA GLY A 108 -10.27 -5.25 -4.07
C GLY A 108 -11.45 -5.50 -4.93
N THR A 109 -12.36 -4.58 -4.86
CA THR A 109 -13.63 -4.73 -5.51
C THR A 109 -13.74 -4.28 -6.94
N ILE A 110 -12.87 -3.41 -7.37
CA ILE A 110 -12.93 -2.89 -8.72
C ILE A 110 -11.63 -3.09 -9.44
N ALA A 111 -11.77 -3.42 -10.71
CA ALA A 111 -10.69 -3.64 -11.63
C ALA A 111 -11.21 -3.06 -12.91
N LYS A 112 -11.07 -1.78 -13.04
CA LYS A 112 -11.52 -1.06 -14.21
C LYS A 112 -10.34 -0.86 -15.17
N SER A 113 -10.59 -1.07 -16.45
CA SER A 113 -9.53 -0.88 -17.43
C SER A 113 -9.18 0.60 -17.54
N GLY A 114 -7.88 0.87 -17.69
CA GLY A 114 -7.45 2.26 -17.84
C GLY A 114 -8.16 2.96 -18.99
N THR A 115 -8.38 2.23 -20.08
CA THR A 115 -9.02 2.80 -21.26
C THR A 115 -10.47 3.22 -20.99
N LYS A 116 -11.25 2.36 -20.34
CA LYS A 116 -12.63 2.72 -20.05
C LYS A 116 -12.70 3.86 -19.05
N ALA A 117 -11.82 3.86 -18.05
CA ALA A 117 -11.77 4.97 -17.10
C ALA A 117 -11.39 6.28 -17.78
N PHE A 118 -10.51 6.20 -18.77
CA PHE A 118 -10.11 7.39 -19.53
C PHE A 118 -11.31 7.96 -20.29
N MET A 119 -12.05 7.09 -20.99
CA MET A 119 -13.22 7.56 -21.72
C MET A 119 -14.22 8.22 -20.78
N GLU A 120 -14.46 7.60 -19.61
CA GLU A 120 -15.41 8.16 -18.66
C GLU A 120 -14.94 9.51 -18.12
N ALA A 121 -13.63 9.65 -17.88
CA ALA A 121 -13.11 10.93 -17.39
C ALA A 121 -13.26 12.01 -18.45
N LEU A 122 -12.98 11.69 -19.71
CA LEU A 122 -13.15 12.67 -20.78
C LEU A 122 -14.60 13.15 -20.85
N GLN A 123 -15.55 12.24 -20.71
CA GLN A 123 -16.95 12.62 -20.84
C GLN A 123 -17.43 13.42 -19.62
N ALA A 124 -16.86 13.15 -18.45
CA ALA A 124 -17.21 13.87 -17.23
C ALA A 124 -16.41 15.16 -17.05
N GLY A 125 -15.43 15.42 -17.90
CA GLY A 125 -14.55 16.54 -17.67
C GLY A 125 -13.69 16.41 -16.43
N ALA A 126 -13.41 15.19 -15.98
CA ALA A 126 -12.60 14.94 -14.81
C ALA A 126 -11.16 14.68 -15.20
N ASP A 127 -10.25 14.86 -14.24
CA ASP A 127 -8.86 14.59 -14.60
C ASP A 127 -8.65 13.09 -14.72
N ILE A 128 -7.55 12.72 -15.36
CA ILE A 128 -7.27 11.35 -15.74
C ILE A 128 -6.19 10.73 -14.87
N SER A 129 -5.81 11.39 -13.79
CA SER A 129 -4.64 10.97 -13.02
C SER A 129 -4.86 9.64 -12.29
N MET A 130 -6.10 9.19 -12.13
CA MET A 130 -6.36 7.95 -11.40
C MET A 130 -6.97 6.85 -12.28
N ILE A 131 -6.82 6.94 -13.61
CA ILE A 131 -7.39 5.91 -14.48
C ILE A 131 -6.71 4.57 -14.27
N GLY A 132 -5.50 4.55 -13.70
CA GLY A 132 -4.84 3.30 -13.39
C GLY A 132 -5.07 2.76 -11.99
N GLN A 133 -5.99 3.36 -11.23
CA GLN A 133 -6.15 3.08 -9.80
C GLN A 133 -4.78 3.11 -9.14
N PHE A 134 -4.48 2.11 -8.30
CA PHE A 134 -3.15 1.97 -7.73
C PHE A 134 -2.39 0.80 -8.36
N GLY A 135 -2.79 0.37 -9.55
CA GLY A 135 -2.18 -0.77 -10.21
C GLY A 135 -2.60 -2.09 -9.57
N VAL A 136 -1.88 -3.15 -9.96
CA VAL A 136 -2.10 -4.48 -9.38
C VAL A 136 -0.81 -5.10 -8.88
N GLY A 137 0.32 -4.41 -9.00
CA GLY A 137 1.59 -5.01 -8.60
C GLY A 137 1.68 -5.29 -7.12
N PHE A 138 0.95 -4.53 -6.29
CA PHE A 138 1.07 -4.68 -4.84
C PHE A 138 0.53 -6.02 -4.33
N TYR A 139 -0.27 -6.73 -5.11
CA TYR A 139 -0.70 -8.05 -4.68
C TYR A 139 0.47 -9.01 -4.54
N SER A 140 1.62 -8.66 -5.12
CA SER A 140 2.85 -9.43 -4.93
C SER A 140 3.23 -9.57 -3.47
N ALA A 141 2.72 -8.70 -2.57
CA ALA A 141 2.99 -8.84 -1.15
C ALA A 141 2.64 -10.24 -0.63
N TYR A 142 1.65 -10.91 -1.24
CA TYR A 142 1.30 -12.25 -0.78
C TYR A 142 2.28 -13.33 -1.25
N LEU A 143 3.32 -12.96 -1.99
CA LEU A 143 4.43 -13.89 -2.18
C LEU A 143 5.18 -14.10 -0.89
N VAL A 144 5.22 -13.09 -0.02
CA VAL A 144 5.99 -13.18 1.21
C VAL A 144 5.14 -13.11 2.47
N ALA A 145 3.92 -12.60 2.40
CA ALA A 145 3.07 -12.40 3.57
C ALA A 145 1.89 -13.35 3.56
N GLU A 146 1.55 -13.87 4.74
CA GLU A 146 0.30 -14.62 4.88
C GLU A 146 -0.88 -13.73 5.22
N LYS A 147 -0.63 -12.54 5.75
CA LYS A 147 -1.68 -11.58 6.08
C LYS A 147 -1.11 -10.19 5.83
N VAL A 148 -1.96 -9.29 5.35
CA VAL A 148 -1.58 -7.90 5.13
C VAL A 148 -2.58 -7.03 5.87
N THR A 149 -2.09 -6.10 6.68
CA THR A 149 -2.91 -5.07 7.33
C THR A 149 -2.47 -3.72 6.80
N VAL A 150 -3.42 -2.87 6.44
CA VAL A 150 -3.14 -1.52 5.98
C VAL A 150 -3.85 -0.56 6.94
N ILE A 151 -3.10 0.34 7.57
CA ILE A 151 -3.65 1.45 8.35
C ILE A 151 -3.43 2.72 7.53
N THR A 152 -4.48 3.51 7.37
CA THR A 152 -4.34 4.67 6.50
C THR A 152 -5.16 5.85 7.01
N LYS A 153 -4.65 7.05 6.76
CA LYS A 153 -5.28 8.29 7.22
C LYS A 153 -5.17 9.34 6.14
N HIS A 154 -6.30 9.75 5.59
CA HIS A 154 -6.40 10.81 4.60
C HIS A 154 -6.93 12.07 5.27
N ASN A 155 -6.43 13.24 4.85
CA ASN A 155 -6.94 14.51 5.36
C ASN A 155 -8.46 14.58 5.24
N ASP A 156 -9.11 15.12 6.27
CA ASP A 156 -10.56 15.32 6.30
C ASP A 156 -11.33 14.00 6.31
N ASP A 157 -10.66 12.87 6.58
CA ASP A 157 -11.32 11.58 6.69
C ASP A 157 -10.78 10.87 7.93
N GLU A 158 -11.42 9.77 8.31
CA GLU A 158 -11.03 9.05 9.50
C GLU A 158 -9.91 8.06 9.21
N GLN A 159 -9.32 7.52 10.27
CA GLN A 159 -8.29 6.51 10.13
C GLN A 159 -8.95 5.14 9.96
N TYR A 160 -8.55 4.40 8.94
CA TYR A 160 -9.13 3.11 8.60
C TYR A 160 -8.11 1.99 8.63
N ALA A 161 -8.58 0.79 8.94
CA ALA A 161 -7.79 -0.43 8.87
C ALA A 161 -8.41 -1.38 7.84
N TRP A 162 -7.61 -1.78 6.87
CA TRP A 162 -7.94 -2.79 5.87
C TRP A 162 -7.14 -4.04 6.18
N GLU A 163 -7.73 -5.23 6.00
CA GLU A 163 -7.00 -6.44 6.35
C GLU A 163 -7.45 -7.62 5.50
N SER A 164 -6.51 -8.47 5.12
CA SER A 164 -6.89 -9.69 4.41
C SER A 164 -5.82 -10.76 4.58
N SER A 165 -6.27 -12.01 4.71
CA SER A 165 -5.41 -13.18 4.60
C SER A 165 -5.62 -13.94 3.29
N ALA A 166 -6.18 -13.26 2.27
CA ALA A 166 -6.28 -13.80 0.91
C ALA A 166 -7.19 -15.01 0.80
N GLY A 167 -8.27 -15.05 1.56
CA GLY A 167 -9.17 -16.18 1.37
C GLY A 167 -10.37 -15.85 0.51
N GLY A 168 -10.26 -14.82 -0.32
CA GLY A 168 -11.38 -14.36 -1.11
C GLY A 168 -12.08 -13.13 -0.58
N SER A 169 -11.71 -12.67 0.61
CA SER A 169 -12.37 -11.54 1.26
C SER A 169 -11.36 -10.67 1.97
N PHE A 170 -11.80 -9.46 2.31
CA PHE A 170 -11.03 -8.54 3.13
C PHE A 170 -11.99 -7.79 4.03
N THR A 171 -11.44 -7.15 5.06
CA THR A 171 -12.27 -6.37 5.99
C THR A 171 -11.81 -4.91 6.00
N VAL A 172 -12.75 -4.04 6.33
CA VAL A 172 -12.48 -2.62 6.56
C VAL A 172 -13.18 -2.21 7.84
N ARG A 173 -12.48 -1.48 8.69
CA ARG A 173 -13.04 -0.97 9.93
C ARG A 173 -12.41 0.38 10.23
N THR A 174 -13.14 1.22 10.97
CA THR A 174 -12.54 2.44 11.48
C THR A 174 -11.52 2.06 12.54
N ASP A 175 -10.32 2.62 12.43
CA ASP A 175 -9.22 2.23 13.30
C ASP A 175 -9.24 3.10 14.56
N THR A 176 -9.31 2.46 15.72
CA THR A 176 -9.21 3.14 16.99
C THR A 176 -7.82 3.03 17.61
N GLY A 177 -6.87 2.43 16.89
CA GLY A 177 -5.49 2.33 17.37
C GLY A 177 -4.79 3.68 17.44
N GLU A 178 -3.46 3.65 17.44
CA GLU A 178 -2.70 4.89 17.61
C GLU A 178 -2.88 5.77 16.38
N PRO A 179 -3.27 7.04 16.54
CA PRO A 179 -3.43 7.92 15.39
C PRO A 179 -2.15 8.05 14.58
N MET A 180 -2.32 8.27 13.27
CA MET A 180 -1.21 8.30 12.33
C MET A 180 -0.84 9.70 11.84
N GLY A 181 -1.77 10.64 11.84
CA GLY A 181 -1.46 11.95 11.28
C GLY A 181 -1.88 12.04 9.83
N ARG A 182 -1.13 11.40 8.94
CA ARG A 182 -1.49 11.31 7.53
C ARG A 182 -0.57 10.32 6.84
N GLY A 183 -1.14 9.43 6.02
CA GLY A 183 -0.36 8.55 5.19
C GLY A 183 -0.83 7.12 5.33
N THR A 184 0.04 6.19 4.98
CA THR A 184 -0.34 4.79 4.90
C THR A 184 0.74 3.93 5.54
N LYS A 185 0.31 2.92 6.29
CA LYS A 185 1.20 1.96 6.94
C LYS A 185 0.77 0.58 6.47
N VAL A 186 1.68 -0.16 5.84
CA VAL A 186 1.43 -1.52 5.36
C VAL A 186 2.18 -2.47 6.29
N ILE A 187 1.44 -3.35 6.94
CA ILE A 187 2.03 -4.33 7.88
C ILE A 187 1.98 -5.69 7.20
N LEU A 188 3.14 -6.25 6.88
CA LEU A 188 3.23 -7.57 6.26
C LEU A 188 3.50 -8.59 7.35
N HIS A 189 2.57 -9.50 7.58
CA HIS A 189 2.79 -10.61 8.49
C HIS A 189 3.43 -11.71 7.65
N LEU A 190 4.74 -11.88 7.79
CA LEU A 190 5.48 -12.72 6.85
C LEU A 190 5.22 -14.21 7.07
N LYS A 191 5.27 -14.96 5.97
CA LYS A 191 5.28 -16.40 6.05
C LYS A 191 6.54 -16.90 6.76
N GLU A 192 6.44 -18.07 7.38
CA GLU A 192 7.53 -18.58 8.20
C GLU A 192 8.80 -18.79 7.40
N ASP A 193 8.68 -19.10 6.10
CA ASP A 193 9.86 -19.35 5.28
C ASP A 193 10.39 -18.10 4.59
N GLN A 194 9.80 -16.92 4.86
CA GLN A 194 10.18 -15.69 4.17
C GLN A 194 10.73 -14.65 5.15
N THR A 195 11.34 -15.11 6.26
CA THR A 195 11.83 -14.17 7.26
C THR A 195 13.13 -13.50 6.85
N GLU A 196 13.71 -13.85 5.70
CA GLU A 196 14.87 -13.09 5.23
C GLU A 196 14.54 -11.62 5.05
N TYR A 197 13.27 -11.28 4.82
CA TYR A 197 12.90 -9.89 4.59
C TYR A 197 12.78 -9.12 5.88
N LEU A 198 13.15 -9.72 7.00
CA LEU A 198 13.38 -9.01 8.24
C LEU A 198 14.86 -8.72 8.51
N GLU A 199 15.75 -9.25 7.67
CA GLU A 199 17.19 -9.07 7.87
C GLU A 199 17.63 -7.76 7.25
N GLU A 200 18.36 -6.96 8.03
CA GLU A 200 18.86 -5.66 7.56
C GLU A 200 19.64 -5.80 6.25
N ARG A 201 20.55 -6.76 6.17
CA ARG A 201 21.37 -6.92 4.96
C ARG A 201 20.49 -7.19 3.75
N ARG A 202 19.42 -7.98 3.92
CA ARG A 202 18.57 -8.32 2.79
C ARG A 202 17.73 -7.13 2.35
N ILE A 203 17.17 -6.40 3.33
CA ILE A 203 16.37 -5.22 3.00
C ILE A 203 17.21 -4.18 2.27
N LYS A 204 18.42 -3.90 2.78
CA LYS A 204 19.31 -2.93 2.12
C LYS A 204 19.57 -3.33 0.68
N GLU A 205 19.84 -4.61 0.46
CA GLU A 205 20.13 -5.14 -0.87
C GLU A 205 18.98 -4.87 -1.83
N ILE A 206 17.75 -5.16 -1.40
CA ILE A 206 16.66 -5.07 -2.36
C ILE A 206 16.23 -3.62 -2.57
N VAL A 207 16.40 -2.73 -1.58
CA VAL A 207 16.18 -1.31 -1.80
C VAL A 207 17.19 -0.78 -2.83
N LYS A 208 18.45 -1.18 -2.68
CA LYS A 208 19.47 -0.71 -3.62
C LYS A 208 19.17 -1.20 -5.04
N LYS A 209 18.72 -2.45 -5.17
CA LYS A 209 18.55 -3.03 -6.50
C LYS A 209 17.32 -2.50 -7.23
N HIS A 210 16.25 -2.17 -6.51
CA HIS A 210 14.98 -1.90 -7.14
C HIS A 210 14.36 -0.56 -6.79
N SER A 211 14.84 0.14 -5.75
CA SER A 211 14.17 1.34 -5.28
C SER A 211 15.16 2.47 -4.98
N GLN A 212 16.37 2.37 -5.52
CA GLN A 212 17.45 3.29 -5.18
C GLN A 212 17.15 4.72 -5.60
N PHE A 213 16.34 4.91 -6.64
CA PHE A 213 16.15 6.24 -7.23
C PHE A 213 14.79 6.84 -6.91
N ILE A 214 14.10 6.29 -5.92
CA ILE A 214 12.90 6.93 -5.39
C ILE A 214 13.26 8.31 -4.83
N GLY A 215 12.42 9.29 -5.09
CA GLY A 215 12.75 10.68 -4.76
C GLY A 215 12.35 11.14 -3.37
N TYR A 216 12.31 10.20 -2.43
CA TYR A 216 11.97 10.46 -1.03
C TYR A 216 12.90 9.63 -0.16
N PRO A 217 13.22 10.11 1.05
CA PRO A 217 14.06 9.31 1.95
C PRO A 217 13.41 7.98 2.30
N ILE A 218 14.19 6.91 2.20
CA ILE A 218 13.79 5.57 2.64
C ILE A 218 14.70 5.21 3.80
N THR A 219 14.13 5.12 5.01
CA THR A 219 14.93 4.93 6.21
C THR A 219 14.61 3.56 6.80
N LEU A 220 15.65 2.76 6.99
CA LEU A 220 15.52 1.45 7.60
C LEU A 220 15.77 1.57 9.09
N PHE A 221 14.82 1.10 9.89
CA PHE A 221 14.95 1.11 11.34
C PHE A 221 15.66 -0.15 11.80
N VAL A 222 16.68 0.02 12.62
CA VAL A 222 17.50 -1.05 13.13
C VAL A 222 16.88 -1.56 14.43
N GLU A 223 16.74 -2.88 14.54
CA GLU A 223 16.28 -3.45 15.80
C GLU A 223 17.43 -3.56 16.81
C13 OJ3 B . -1.33 7.64 -6.19
C17 OJ3 B . -1.78 0.32 -2.42
C11 OJ3 B . -2.65 6.72 -2.14
C20 OJ3 B . -1.56 -3.10 0.30
C10 OJ3 B . -2.36 7.34 -3.51
C12 OJ3 B . -1.07 6.55 -5.57
C14 OJ3 B . -2.02 8.60 -5.68
C01 OJ3 B . -0.69 3.91 -0.55
C02 OJ3 B . 0.59 4.02 -0.01
C03 OJ3 B . 1.41 2.90 0.01
C04 OJ3 B . 0.93 1.69 -0.50
C05 OJ3 B . -0.33 1.57 -1.06
C06 OJ3 B . -1.18 2.68 -1.07
C07 OJ3 B . -1.56 5.16 -0.58
N01 OJ3 B . -1.90 5.63 -1.87
O01 OJ3 B . -1.93 5.74 0.39
C08 OJ3 B . -1.54 5.18 -3.07
C09 OJ3 B . -1.53 6.25 -4.21
C15 OJ3 B . -2.62 8.70 -4.42
C16 OJ3 B . -0.56 0.12 -1.49
C18 OJ3 B . -1.35 -0.70 -0.51
O02 OJ3 B . 0.23 -0.37 -2.50
C19 OJ3 B . -1.43 -2.18 -0.94
C21 OJ3 B . -1.99 -4.47 -0.25
O03 OJ3 B . 1.74 0.58 -0.47
F01 OJ3 B . -2.20 9.70 -6.46
C22 OJ3 B . -1.03 -5.44 -0.50
C23 OJ3 B . -1.43 -6.67 -1.02
C24 OJ3 B . -2.77 -6.90 -1.30
C25 OJ3 B . -3.72 -5.92 -1.06
C26 OJ3 B . -3.33 -4.69 -0.54
#